data_6C65
#
_entry.id   6C65
#
_cell.length_a   36.639
_cell.length_b   179.680
_cell.length_c   108.313
_cell.angle_alpha   90.000
_cell.angle_beta   90.000
_cell.angle_gamma   90.000
#
_symmetry.space_group_name_H-M   'C 2 2 21'
#
loop_
_entity.id
_entity.type
_entity.pdbx_description
1 polymer 'RNA (36-MER)'
2 polymer 'RNA (35-MER)'
3 non-polymer 4-[(3-{2-[(2-methoxyethyl)amino]-2-oxoethyl}-1,3-benzothiazol-3-ium-2-yl)methyl]-1-methylquinolin-1-ium
4 non-polymer 'POTASSIUM ION'
#
loop_
_entity_poly.entity_id
_entity_poly.type
_entity_poly.pdbx_seq_one_letter_code
_entity_poly.pdbx_strand_id
1 'polyribonucleotide' GCGUACGAAGGAGAGGAGAGGUAGAGGAGAGUACGC A,B
2 'polyribonucleotide' CGUACGAAGGAGAGGAGAGGUAGAGGAGAGUACGG C
#